data_8H21
#
_entry.id   8H21
#
_cell.length_a   61.234
_cell.length_b   61.234
_cell.length_c   208.182
_cell.angle_alpha   90.000
_cell.angle_beta   90.000
_cell.angle_gamma   90.000
#
_symmetry.space_group_name_H-M   'P 41 21 2'
#
loop_
_entity.id
_entity.type
_entity.pdbx_description
1 polymer 'Serine palmitoyltransferase'
2 non-polymer 1,2-ETHANEDIOL
3 non-polymer '2-[(3-HYDROXY-2-METHYL-5-PHOSPHONOOXYMETHYL-PYRIDIN-4-YLMETHYL)-AMINO]-PROPIONIC ACID'
4 water water
#
_entity_poly.entity_id   1
_entity_poly.type   'polypeptide(L)'
_entity_poly.pdbx_seq_one_letter_code
;MSKGKLGEKISQFKIVEELKAKGLYAYFRPIQSKQDTEVKIDGRRVLMFGSNSYLGLTTDTRIIKAAQDALEKYGTGCAG
SRFLNGTLDIHVELEEKLSAYVGKEAAILFSTGFQSNLGPLSCLMGRNDYILLDERDHASIIDGSRLSFSKVIKYGHNNM
EDLRAKLSRLPEDSAKLICTDGIFSMEGDIVNLPELTSIANEFDAAVMVDDAHSLGVIGHKGAGTASHFGLNDDVDLIMG
TFSKSLASLGGFVAGDADVIDFLKHNARSVMFSASMTPASVASTLKALEIIQNEPEHIEKLWKNTDYAKAQLLDHGFDLG
ATESPILPIFIRSNEKTFWVTKMLQDDGVFVNPVVSPAVPAEESLIRFSLMATHTYDQIDEAIEKMVKVFKQAEVETLI
;
_entity_poly.pdbx_strand_id   A
#
# COMPACT_ATOMS: atom_id res chain seq x y z
N SER A 2 -17.64 32.23 -0.48
CA SER A 2 -18.90 32.34 -1.27
C SER A 2 -19.09 31.07 -2.11
N LYS A 3 -20.32 30.64 -2.39
CA LYS A 3 -20.54 29.26 -2.90
C LYS A 3 -21.07 29.14 -4.33
N GLY A 4 -21.25 30.20 -5.11
CA GLY A 4 -21.90 30.04 -6.42
C GLY A 4 -21.08 29.15 -7.36
N LYS A 5 -19.84 29.52 -7.67
CA LYS A 5 -19.01 28.72 -8.60
C LYS A 5 -18.65 27.38 -7.96
N LEU A 6 -18.46 27.36 -6.66
CA LEU A 6 -18.08 26.12 -5.94
C LEU A 6 -19.21 25.10 -6.12
N GLY A 7 -20.46 25.54 -5.94
CA GLY A 7 -21.65 24.69 -6.14
C GLY A 7 -21.68 24.15 -7.56
N GLU A 8 -21.34 24.95 -8.54
CA GLU A 8 -21.27 24.48 -9.96
C GLU A 8 -20.14 23.43 -10.14
N LYS A 9 -18.97 23.62 -9.54
CA LYS A 9 -17.85 22.65 -9.69
C LYS A 9 -18.23 21.23 -9.25
N ILE A 10 -19.13 21.08 -8.27
CA ILE A 10 -19.46 19.76 -7.63
C ILE A 10 -20.83 19.26 -8.12
N SER A 11 -21.53 20.07 -8.90
CA SER A 11 -22.93 19.83 -9.35
C SER A 11 -23.09 18.53 -10.15
N GLN A 12 -22.10 18.13 -10.93
CA GLN A 12 -22.20 16.96 -11.83
C GLN A 12 -21.76 15.67 -11.13
N PHE A 13 -21.35 15.73 -9.86
CA PHE A 13 -20.93 14.52 -9.12
C PHE A 13 -22.19 13.91 -8.46
N LYS A 14 -22.80 12.98 -9.20
N LYS A 14 -22.83 12.99 -9.18
CA LYS A 14 -24.13 12.40 -8.84
CA LYS A 14 -24.14 12.41 -8.74
C LYS A 14 -24.04 10.93 -8.45
C LYS A 14 -24.05 10.90 -8.48
N ILE A 15 -22.92 10.24 -8.71
CA ILE A 15 -22.82 8.76 -8.49
C ILE A 15 -23.15 8.42 -7.04
N VAL A 16 -22.71 9.21 -6.06
CA VAL A 16 -22.97 8.83 -4.65
C VAL A 16 -24.46 8.95 -4.39
N GLU A 17 -25.08 10.06 -4.79
CA GLU A 17 -26.52 10.27 -4.64
C GLU A 17 -27.28 9.11 -5.28
N GLU A 18 -26.83 8.69 -6.45
CA GLU A 18 -27.55 7.59 -7.15
C GLU A 18 -27.35 6.25 -6.43
N LEU A 19 -26.11 5.91 -6.05
CA LEU A 19 -25.85 4.70 -5.26
C LEU A 19 -26.73 4.70 -4.04
N LYS A 20 -26.80 5.81 -3.30
CA LYS A 20 -27.53 5.81 -2.02
C LYS A 20 -29.01 5.60 -2.28
N ALA A 21 -29.55 6.26 -3.28
CA ALA A 21 -31.01 6.19 -3.59
C ALA A 21 -31.38 4.77 -4.07
N LYS A 22 -30.45 4.10 -4.73
CA LYS A 22 -30.67 2.72 -5.23
C LYS A 22 -30.45 1.70 -4.11
N GLY A 23 -29.97 2.12 -2.95
CA GLY A 23 -29.67 1.17 -1.86
C GLY A 23 -28.42 0.37 -2.18
N LEU A 24 -27.46 0.94 -2.88
CA LEU A 24 -26.25 0.18 -3.30
C LEU A 24 -25.02 0.74 -2.59
N TYR A 25 -25.15 1.83 -1.86
CA TYR A 25 -23.94 2.53 -1.35
C TYR A 25 -23.26 1.67 -0.30
N ALA A 26 -21.94 1.52 -0.43
CA ALA A 26 -21.14 0.66 0.48
C ALA A 26 -19.73 1.24 0.68
N TYR A 27 -19.57 2.56 0.59
CA TYR A 27 -18.32 3.24 0.96
C TYR A 27 -18.48 3.68 2.42
N PHE A 28 -17.34 3.86 3.08
CA PHE A 28 -17.29 4.43 4.44
C PHE A 28 -18.17 3.60 5.38
N ARG A 29 -18.27 2.28 5.16
CA ARG A 29 -19.09 1.38 6.02
C ARG A 29 -18.61 1.48 7.47
N PRO A 30 -19.42 1.93 8.44
CA PRO A 30 -18.93 2.14 9.81
C PRO A 30 -18.75 0.85 10.65
N ILE A 31 -17.50 0.44 10.83
CA ILE A 31 -17.15 -0.77 11.62
C ILE A 31 -17.18 -0.42 13.10
N GLN A 32 -17.61 -1.36 13.92
CA GLN A 32 -17.90 -1.12 15.35
C GLN A 32 -16.92 -1.88 16.23
N SER A 33 -15.95 -2.54 15.62
CA SER A 33 -15.10 -3.52 16.31
C SER A 33 -13.70 -3.45 15.76
N LYS A 34 -12.77 -4.19 16.35
CA LYS A 34 -11.39 -4.22 15.79
C LYS A 34 -11.40 -4.79 14.38
N GLN A 35 -10.45 -4.31 13.57
CA GLN A 35 -10.19 -4.88 12.24
C GLN A 35 -9.77 -6.32 12.50
N ASP A 36 -10.48 -7.27 11.93
CA ASP A 36 -10.21 -8.71 12.17
C ASP A 36 -10.82 -9.48 11.02
N THR A 37 -10.79 -10.80 11.11
CA THR A 37 -11.37 -11.69 10.07
C THR A 37 -12.91 -11.56 10.06
N GLU A 38 -13.51 -11.14 11.16
CA GLU A 38 -14.95 -10.77 11.24
C GLU A 38 -14.99 -9.42 11.92
N VAL A 39 -15.81 -8.53 11.40
CA VAL A 39 -16.03 -7.17 11.94
C VAL A 39 -17.53 -7.03 12.18
N LYS A 40 -17.89 -6.12 13.06
CA LYS A 40 -19.29 -5.79 13.37
C LYS A 40 -19.65 -4.51 12.63
N ILE A 41 -20.70 -4.57 11.85
CA ILE A 41 -21.30 -3.43 11.14
C ILE A 41 -22.79 -3.50 11.39
N ASP A 42 -23.36 -2.41 11.92
CA ASP A 42 -24.82 -2.34 12.17
C ASP A 42 -25.20 -3.45 13.14
N GLY A 43 -24.31 -3.80 14.05
CA GLY A 43 -24.51 -4.83 15.11
C GLY A 43 -24.41 -6.28 14.59
N ARG A 44 -24.18 -6.49 13.29
CA ARG A 44 -24.09 -7.80 12.59
C ARG A 44 -22.62 -8.18 12.42
N ARG A 45 -22.31 -9.47 12.40
CA ARG A 45 -20.98 -9.99 12.04
C ARG A 45 -20.85 -10.13 10.52
N VAL A 46 -19.70 -9.72 10.00
CA VAL A 46 -19.36 -9.60 8.55
C VAL A 46 -17.95 -10.13 8.38
N LEU A 47 -17.76 -11.10 7.49
CA LEU A 47 -16.43 -11.62 7.11
C LEU A 47 -15.66 -10.53 6.38
N MET A 48 -14.42 -10.29 6.80
CA MET A 48 -13.60 -9.18 6.27
C MET A 48 -12.61 -9.76 5.24
N PHE A 49 -12.87 -9.56 3.98
CA PHE A 49 -11.94 -9.93 2.89
C PHE A 49 -11.55 -8.68 2.11
N GLY A 50 -11.62 -7.52 2.78
CA GLY A 50 -11.31 -6.24 2.14
C GLY A 50 -10.24 -5.48 2.91
N SER A 51 -9.42 -6.17 3.70
CA SER A 51 -8.41 -5.49 4.55
C SER A 51 -7.03 -5.42 3.90
N ASN A 52 -6.15 -4.61 4.45
CA ASN A 52 -4.73 -4.70 4.10
C ASN A 52 -3.92 -5.23 5.29
N SER A 53 -4.55 -5.65 6.36
CA SER A 53 -3.80 -6.19 7.50
C SER A 53 -3.41 -7.64 7.19
N TYR A 54 -2.41 -7.80 6.33
CA TYR A 54 -2.09 -9.13 5.72
C TYR A 54 -1.74 -10.15 6.79
N LEU A 55 -1.09 -9.72 7.85
CA LEU A 55 -0.73 -10.69 8.92
C LEU A 55 -1.72 -10.71 10.10
N GLY A 56 -2.83 -9.99 10.05
CA GLY A 56 -3.85 -10.00 11.13
C GLY A 56 -3.37 -9.40 12.42
N LEU A 57 -2.33 -8.56 12.39
CA LEU A 57 -1.63 -8.18 13.64
C LEU A 57 -2.29 -7.02 14.38
N THR A 58 -3.34 -6.38 13.86
CA THR A 58 -3.91 -5.19 14.56
C THR A 58 -4.64 -5.63 15.83
N THR A 59 -4.82 -6.94 16.03
CA THR A 59 -5.48 -7.47 17.26
C THR A 59 -4.48 -8.17 18.18
N ASP A 60 -3.23 -8.25 17.81
CA ASP A 60 -2.20 -8.97 18.61
C ASP A 60 -2.10 -8.23 19.94
N THR A 61 -2.39 -8.92 21.05
CA THR A 61 -2.39 -8.29 22.41
C THR A 61 -1.01 -7.72 22.74
N ARG A 62 0.07 -8.29 22.21
CA ARG A 62 1.43 -7.77 22.52
C ARG A 62 1.61 -6.41 21.89
N ILE A 63 1.04 -6.21 20.69
CA ILE A 63 1.18 -4.94 19.93
C ILE A 63 0.28 -3.89 20.59
N ILE A 64 -0.91 -4.30 21.00
CA ILE A 64 -1.85 -3.39 21.69
C ILE A 64 -1.17 -2.93 22.97
N LYS A 65 -0.56 -3.86 23.73
CA LYS A 65 0.04 -3.54 25.04
C LYS A 65 1.22 -2.61 24.79
N ALA A 66 2.06 -2.87 23.77
CA ALA A 66 3.21 -2.00 23.45
C ALA A 66 2.69 -0.57 23.21
N ALA A 67 1.60 -0.43 22.46
CA ALA A 67 1.02 0.90 22.14
C ALA A 67 0.51 1.55 23.44
N GLN A 68 -0.20 0.79 24.28
CA GLN A 68 -0.77 1.32 25.54
C GLN A 68 0.36 1.76 26.47
N ASP A 69 1.46 1.00 26.50
CA ASP A 69 2.62 1.36 27.37
C ASP A 69 3.27 2.63 26.82
N ALA A 70 3.37 2.79 25.50
CA ALA A 70 3.94 4.01 24.91
C ALA A 70 3.05 5.22 25.21
N LEU A 71 1.73 5.07 25.20
CA LEU A 71 0.82 6.15 25.63
C LEU A 71 1.14 6.53 27.10
N GLU A 72 1.31 5.52 27.95
CA GLU A 72 1.56 5.75 29.41
C GLU A 72 2.85 6.57 29.54
N LYS A 73 3.90 6.22 28.81
CA LYS A 73 5.24 6.82 28.98
C LYS A 73 5.36 8.19 28.27
N TYR A 74 4.80 8.30 27.06
CA TYR A 74 5.09 9.42 26.12
C TYR A 74 3.85 10.30 25.86
N GLY A 75 2.67 9.92 26.34
CA GLY A 75 1.48 10.69 26.03
C GLY A 75 0.94 10.44 24.62
N THR A 76 0.01 11.29 24.23
CA THR A 76 -0.91 11.06 23.08
C THR A 76 -0.33 11.58 21.75
N GLY A 77 0.74 12.36 21.80
CA GLY A 77 1.31 12.94 20.58
C GLY A 77 2.55 13.71 20.93
N CYS A 78 3.33 14.02 19.91
CA CYS A 78 4.61 14.76 20.04
C CYS A 78 4.41 16.25 19.72
N ALA A 79 3.32 16.65 19.07
CA ALA A 79 2.93 18.07 18.93
C ALA A 79 3.95 18.85 18.13
N GLY A 80 4.56 18.20 17.15
CA GLY A 80 5.44 18.93 16.22
C GLY A 80 6.15 18.03 15.22
N SER A 81 6.74 18.63 14.20
N SER A 81 6.77 18.65 14.22
CA SER A 81 7.56 17.93 13.18
CA SER A 81 7.62 17.97 13.22
C SER A 81 8.75 17.25 13.85
C SER A 81 8.76 17.23 13.90
N ARG A 82 9.13 16.09 13.32
CA ARG A 82 10.39 15.40 13.71
C ARG A 82 11.55 16.41 13.70
N PHE A 83 11.58 17.29 12.68
CA PHE A 83 12.62 18.31 12.43
C PHE A 83 12.87 19.14 13.70
N LEU A 84 11.80 19.48 14.41
CA LEU A 84 11.86 20.42 15.53
C LEU A 84 11.68 19.63 16.84
N ASN A 85 10.49 19.69 17.42
CA ASN A 85 10.23 19.16 18.78
C ASN A 85 9.54 17.78 18.79
N GLY A 86 9.37 17.14 17.63
CA GLY A 86 8.59 15.91 17.51
C GLY A 86 9.38 14.62 17.41
N THR A 87 10.70 14.60 17.65
CA THR A 87 11.52 13.38 17.62
C THR A 87 11.54 12.78 19.02
N LEU A 88 11.28 11.50 19.10
CA LEU A 88 11.48 10.66 20.33
C LEU A 88 12.62 9.70 20.07
N ASP A 89 13.30 9.32 21.13
CA ASP A 89 14.23 8.18 21.09
C ASP A 89 13.59 7.00 20.37
N ILE A 90 12.30 6.74 20.54
CA ILE A 90 11.67 5.57 19.90
C ILE A 90 11.51 5.78 18.39
N HIS A 91 11.33 6.99 17.88
CA HIS A 91 11.32 7.15 16.40
C HIS A 91 12.69 6.71 15.85
N VAL A 92 13.77 7.11 16.51
CA VAL A 92 15.15 6.82 16.03
C VAL A 92 15.37 5.30 16.11
N GLU A 93 14.91 4.66 17.18
CA GLU A 93 14.99 3.20 17.35
C GLU A 93 14.30 2.53 16.17
N LEU A 94 13.09 2.97 15.89
CA LEU A 94 12.35 2.35 14.75
C LEU A 94 13.08 2.59 13.42
N GLU A 95 13.67 3.74 13.19
CA GLU A 95 14.46 3.96 11.96
C GLU A 95 15.63 2.97 11.87
N GLU A 96 16.32 2.75 13.00
CA GLU A 96 17.52 1.89 12.98
C GLU A 96 17.01 0.48 12.69
N LYS A 97 15.93 0.06 13.34
N LYS A 97 15.90 0.06 13.28
CA LYS A 97 15.35 -1.31 13.15
CA LYS A 97 15.42 -1.34 13.13
C LYS A 97 14.98 -1.48 11.68
C LYS A 97 14.80 -1.58 11.74
N LEU A 98 14.21 -0.56 11.12
CA LEU A 98 13.81 -0.69 9.71
C LEU A 98 15.02 -0.77 8.78
N SER A 99 16.00 0.09 8.97
CA SER A 99 17.22 0.14 8.14
C SER A 99 17.82 -1.28 8.16
N ALA A 100 17.88 -1.89 9.34
CA ALA A 100 18.49 -3.24 9.47
C ALA A 100 17.63 -4.23 8.67
N TYR A 101 16.33 -4.12 8.83
CA TYR A 101 15.36 -5.10 8.26
C TYR A 101 15.47 -5.10 6.73
N VAL A 102 15.55 -3.94 6.12
CA VAL A 102 15.54 -3.86 4.63
C VAL A 102 16.98 -3.77 4.12
N GLY A 103 17.98 -3.71 4.99
CA GLY A 103 19.37 -3.81 4.55
C GLY A 103 19.90 -2.52 3.98
N LYS A 104 19.52 -1.39 4.58
CA LYS A 104 19.98 -0.03 4.18
C LYS A 104 20.69 0.65 5.35
N GLU A 105 21.44 1.68 5.00
CA GLU A 105 22.24 2.52 5.96
C GLU A 105 21.30 3.19 6.98
N ALA A 106 20.15 3.68 6.52
CA ALA A 106 19.43 4.73 7.26
C ALA A 106 17.98 4.76 6.81
N ALA A 107 17.14 5.30 7.66
CA ALA A 107 15.71 5.52 7.33
C ALA A 107 15.23 6.81 8.00
N ILE A 108 14.19 7.39 7.40
CA ILE A 108 13.39 8.50 7.95
C ILE A 108 11.93 8.06 7.93
N LEU A 109 11.27 8.22 9.07
CA LEU A 109 9.83 7.99 9.23
C LEU A 109 9.07 9.20 8.68
N PHE A 110 7.87 8.88 8.25
CA PHE A 110 6.79 9.82 7.91
C PHE A 110 5.52 9.41 8.63
N SER A 111 4.61 10.37 8.87
N SER A 111 4.60 10.36 8.67
CA SER A 111 3.40 10.11 9.68
CA SER A 111 3.42 10.23 9.53
C SER A 111 2.38 9.27 8.89
C SER A 111 2.33 9.40 8.85
N THR A 112 2.46 9.21 7.56
CA THR A 112 1.65 8.28 6.75
C THR A 112 2.53 7.71 5.66
N GLY A 113 2.09 6.56 5.17
CA GLY A 113 2.64 6.01 3.94
C GLY A 113 2.56 7.02 2.80
N PHE A 114 1.39 7.62 2.64
CA PHE A 114 1.14 8.59 1.55
C PHE A 114 2.25 9.65 1.57
N GLN A 115 2.55 10.21 2.76
CA GLN A 115 3.56 11.29 2.91
C GLN A 115 4.97 10.72 2.65
N SER A 116 5.20 9.41 2.85
CA SER A 116 6.50 8.71 2.64
C SER A 116 6.80 8.73 1.16
N ASN A 117 5.81 8.63 0.30
CA ASN A 117 6.05 8.82 -1.16
C ASN A 117 6.18 10.31 -1.50
N LEU A 118 5.44 11.21 -0.85
CA LEU A 118 5.54 12.63 -1.24
C LEU A 118 6.97 13.11 -1.01
N GLY A 119 7.62 12.62 0.04
CA GLY A 119 8.90 13.24 0.45
C GLY A 119 9.97 13.08 -0.62
N PRO A 120 10.42 11.85 -0.97
CA PRO A 120 11.51 11.68 -1.91
C PRO A 120 11.15 12.09 -3.36
N LEU A 121 9.90 11.88 -3.76
CA LEU A 121 9.47 12.23 -5.14
C LEU A 121 9.39 13.75 -5.31
N SER A 122 9.09 14.49 -4.25
CA SER A 122 8.97 15.96 -4.35
C SER A 122 10.34 16.61 -4.40
N CYS A 123 11.39 16.04 -3.77
CA CYS A 123 12.59 16.89 -3.47
C CYS A 123 13.89 16.37 -4.09
N LEU A 124 13.99 15.22 -4.74
CA LEU A 124 15.30 14.70 -5.20
C LEU A 124 15.53 15.15 -6.65
N MET A 125 14.57 14.90 -7.52
CA MET A 125 14.61 15.37 -8.93
C MET A 125 14.02 16.78 -9.00
N GLY A 126 14.71 17.70 -9.67
CA GLY A 126 14.14 19.05 -9.85
C GLY A 126 14.07 19.51 -11.30
N ARG A 127 14.16 20.82 -11.51
CA ARG A 127 14.15 21.40 -12.86
C ARG A 127 15.22 20.69 -13.72
N ASN A 128 14.88 20.44 -14.96
CA ASN A 128 15.77 19.76 -15.95
C ASN A 128 15.95 18.27 -15.63
N ASP A 129 15.38 17.74 -14.56
CA ASP A 129 15.45 16.28 -14.27
C ASP A 129 14.13 15.58 -14.64
N TYR A 130 14.09 14.27 -14.42
CA TYR A 130 12.96 13.41 -14.89
C TYR A 130 12.63 12.38 -13.82
N ILE A 131 11.33 12.12 -13.65
CA ILE A 131 10.83 10.98 -12.88
C ILE A 131 10.05 10.08 -13.84
N LEU A 132 10.35 8.78 -13.80
CA LEU A 132 9.73 7.77 -14.67
C LEU A 132 8.87 6.92 -13.75
N LEU A 133 7.57 6.82 -14.03
CA LEU A 133 6.58 6.14 -13.17
C LEU A 133 5.89 5.04 -13.98
N ASP A 134 5.83 3.86 -13.44
CA ASP A 134 4.89 2.85 -14.00
C ASP A 134 3.50 3.49 -14.05
N GLU A 135 2.75 3.31 -15.14
CA GLU A 135 1.43 3.96 -15.29
C GLU A 135 0.45 3.51 -14.21
N ARG A 136 0.65 2.35 -13.56
CA ARG A 136 -0.25 1.82 -12.50
C ARG A 136 0.28 2.17 -11.12
N ASP A 137 1.25 3.06 -11.03
CA ASP A 137 1.79 3.41 -9.69
C ASP A 137 0.69 3.95 -8.78
N HIS A 138 0.85 3.76 -7.47
CA HIS A 138 -0.09 4.29 -6.48
C HIS A 138 -0.29 5.80 -6.65
N ALA A 139 -1.51 6.25 -6.34
CA ALA A 139 -1.88 7.68 -6.40
C ALA A 139 -0.86 8.53 -5.63
N SER A 140 -0.29 8.07 -4.50
CA SER A 140 0.63 8.91 -3.70
C SER A 140 1.94 9.14 -4.47
N ILE A 141 2.31 8.22 -5.35
CA ILE A 141 3.53 8.33 -6.16
C ILE A 141 3.27 9.34 -7.25
N ILE A 142 2.11 9.27 -7.88
CA ILE A 142 1.79 10.29 -8.93
C ILE A 142 1.77 11.66 -8.25
N ASP A 143 1.17 11.77 -7.09
CA ASP A 143 1.05 13.09 -6.41
C ASP A 143 2.44 13.57 -5.97
N GLY A 144 3.25 12.69 -5.37
CA GLY A 144 4.61 13.09 -4.98
C GLY A 144 5.41 13.62 -6.15
N SER A 145 5.28 12.96 -7.30
N SER A 145 5.27 12.93 -7.28
CA SER A 145 6.04 13.35 -8.51
CA SER A 145 6.00 13.24 -8.52
C SER A 145 5.48 14.69 -9.02
C SER A 145 5.57 14.63 -9.01
N ARG A 146 4.18 14.91 -8.84
N ARG A 146 4.27 14.97 -8.97
CA ARG A 146 3.55 16.19 -9.26
CA ARG A 146 3.77 16.29 -9.40
C ARG A 146 4.08 17.34 -8.40
C ARG A 146 4.26 17.38 -8.44
N LEU A 147 4.52 17.04 -7.17
CA LEU A 147 5.07 18.08 -6.25
C LEU A 147 6.52 18.40 -6.57
N SER A 148 7.21 17.56 -7.33
CA SER A 148 8.58 17.84 -7.79
C SER A 148 8.52 18.97 -8.82
N PHE A 149 9.66 19.58 -9.13
CA PHE A 149 9.77 20.56 -10.23
C PHE A 149 10.36 19.88 -11.45
N SER A 150 10.34 18.54 -11.44
CA SER A 150 10.84 17.71 -12.57
C SER A 150 9.75 17.45 -13.62
N LYS A 151 10.19 16.87 -14.74
CA LYS A 151 9.31 16.39 -15.81
C LYS A 151 8.93 14.95 -15.47
N VAL A 152 7.64 14.69 -15.29
CA VAL A 152 7.13 13.34 -14.93
C VAL A 152 6.66 12.60 -16.18
N ILE A 153 7.15 11.36 -16.34
CA ILE A 153 6.90 10.52 -17.55
C ILE A 153 6.34 9.19 -17.06
N LYS A 154 5.18 8.79 -17.55
CA LYS A 154 4.64 7.44 -17.25
C LYS A 154 5.10 6.47 -18.32
N TYR A 155 5.42 5.26 -17.90
CA TYR A 155 5.69 4.15 -18.86
C TYR A 155 4.62 3.08 -18.71
N GLY A 156 4.48 2.28 -19.76
CA GLY A 156 3.51 1.19 -19.80
C GLY A 156 3.71 0.27 -18.63
N HIS A 157 2.63 -0.25 -18.10
CA HIS A 157 2.66 -1.12 -16.90
C HIS A 157 3.60 -2.29 -17.14
N ASN A 158 4.66 -2.38 -16.34
N ASN A 158 4.66 -2.38 -16.34
CA ASN A 158 5.72 -3.41 -16.42
CA ASN A 158 5.72 -3.41 -16.42
C ASN A 158 6.26 -3.52 -17.84
C ASN A 158 6.26 -3.52 -17.84
N ASN A 159 6.25 -2.43 -18.59
CA ASN A 159 6.71 -2.42 -20.01
C ASN A 159 8.14 -1.93 -20.01
N MET A 160 9.08 -2.87 -19.96
CA MET A 160 10.52 -2.55 -19.88
C MET A 160 11.03 -1.93 -21.20
N GLU A 161 10.44 -2.30 -22.35
CA GLU A 161 10.84 -1.71 -23.67
C GLU A 161 10.43 -0.24 -23.66
N ASP A 162 9.25 0.07 -23.12
CA ASP A 162 8.74 1.47 -23.02
C ASP A 162 9.60 2.28 -22.04
N LEU A 163 9.88 1.70 -20.89
CA LEU A 163 10.82 2.32 -19.91
C LEU A 163 12.16 2.64 -20.59
N ARG A 164 12.80 1.63 -21.18
N ARG A 164 12.78 1.63 -21.20
CA ARG A 164 14.09 1.81 -21.86
CA ARG A 164 14.10 1.79 -21.86
C ARG A 164 13.99 2.89 -22.93
C ARG A 164 14.02 2.86 -22.95
N ALA A 165 12.97 2.85 -23.79
CA ALA A 165 12.81 3.82 -24.90
C ALA A 165 12.74 5.22 -24.30
N LYS A 166 11.91 5.40 -23.27
CA LYS A 166 11.65 6.75 -22.75
C LYS A 166 12.88 7.33 -22.08
N LEU A 167 13.65 6.50 -21.37
CA LEU A 167 14.94 6.91 -20.76
C LEU A 167 15.94 7.30 -21.85
N SER A 168 16.00 6.52 -22.93
CA SER A 168 17.02 6.67 -24.01
C SER A 168 16.88 8.05 -24.66
N ARG A 169 15.65 8.56 -24.70
CA ARG A 169 15.29 9.87 -25.29
C ARG A 169 15.88 11.03 -24.50
N LEU A 170 16.10 10.87 -23.20
CA LEU A 170 16.32 12.04 -22.30
C LEU A 170 17.76 12.53 -22.41
N PRO A 171 18.00 13.84 -22.22
CA PRO A 171 19.34 14.41 -22.20
C PRO A 171 20.26 13.67 -21.23
N GLU A 172 21.52 13.42 -21.60
CA GLU A 172 22.42 12.65 -20.72
C GLU A 172 22.69 13.49 -19.46
N ASP A 173 22.81 14.82 -19.60
CA ASP A 173 23.17 15.74 -18.49
C ASP A 173 21.89 16.05 -17.72
N SER A 174 21.24 15.03 -17.18
CA SER A 174 20.04 15.23 -16.34
C SER A 174 20.00 14.05 -15.38
N ALA A 175 19.38 14.29 -14.24
CA ALA A 175 19.15 13.24 -13.24
C ALA A 175 17.80 12.58 -13.55
N LYS A 176 17.71 11.28 -13.29
CA LYS A 176 16.50 10.48 -13.53
C LYS A 176 16.23 9.63 -12.31
N LEU A 177 14.96 9.49 -11.97
N LEU A 177 14.95 9.46 -11.99
CA LEU A 177 14.53 8.58 -10.91
CA LEU A 177 14.50 8.59 -10.89
C LEU A 177 13.40 7.73 -11.46
C LEU A 177 13.32 7.73 -11.35
N ILE A 178 13.45 6.41 -11.23
CA ILE A 178 12.35 5.48 -11.59
C ILE A 178 11.67 5.13 -10.29
N CYS A 179 10.38 5.34 -10.20
CA CYS A 179 9.63 4.87 -9.00
C CYS A 179 8.53 3.90 -9.41
N THR A 180 8.43 2.78 -8.69
CA THR A 180 7.47 1.70 -8.99
C THR A 180 6.91 1.14 -7.71
N ASP A 181 5.63 0.78 -7.71
CA ASP A 181 5.11 -0.14 -6.65
C ASP A 181 5.92 -1.44 -6.78
N GLY A 182 6.11 -2.11 -5.66
CA GLY A 182 6.71 -3.45 -5.61
C GLY A 182 5.66 -4.47 -5.99
N ILE A 183 4.68 -4.65 -5.12
CA ILE A 183 3.40 -5.30 -5.47
C ILE A 183 2.38 -4.21 -5.74
N PHE A 184 1.80 -4.25 -6.95
CA PHE A 184 0.76 -3.29 -7.37
C PHE A 184 -0.59 -3.71 -6.76
N SER A 185 -1.34 -2.82 -6.12
CA SER A 185 -2.50 -3.28 -5.31
C SER A 185 -3.71 -3.72 -6.15
N MET A 186 -3.92 -3.17 -7.36
N MET A 186 -3.93 -3.20 -7.36
CA MET A 186 -5.14 -3.47 -8.16
CA MET A 186 -5.22 -3.51 -8.05
C MET A 186 -5.17 -4.96 -8.47
C MET A 186 -5.21 -4.97 -8.52
N GLU A 187 -4.17 -5.38 -9.25
CA GLU A 187 -4.10 -6.74 -9.80
C GLU A 187 -3.18 -7.62 -8.94
N GLY A 188 -2.44 -7.04 -7.98
CA GLY A 188 -1.62 -7.85 -7.06
C GLY A 188 -0.35 -8.38 -7.72
N ASP A 189 0.05 -7.86 -8.87
CA ASP A 189 1.25 -8.28 -9.61
C ASP A 189 2.52 -7.65 -9.06
N ILE A 190 3.65 -8.25 -9.42
CA ILE A 190 4.99 -7.81 -8.93
C ILE A 190 5.74 -7.12 -10.04
N VAL A 191 6.39 -6.00 -9.73
CA VAL A 191 7.26 -5.29 -10.70
C VAL A 191 8.32 -6.27 -11.25
N ASN A 192 8.71 -6.10 -12.52
CA ASN A 192 9.89 -6.78 -13.10
C ASN A 192 11.15 -6.06 -12.61
N LEU A 193 11.48 -6.23 -11.34
CA LEU A 193 12.63 -5.47 -10.79
C LEU A 193 13.97 -5.86 -11.44
N PRO A 194 14.23 -7.15 -11.79
CA PRO A 194 15.50 -7.46 -12.45
C PRO A 194 15.73 -6.63 -13.71
N GLU A 195 14.76 -6.57 -14.64
N GLU A 195 14.74 -6.53 -14.61
CA GLU A 195 14.97 -5.78 -15.88
CA GLU A 195 14.94 -5.79 -15.89
C GLU A 195 14.95 -4.30 -15.50
C GLU A 195 14.82 -4.29 -15.64
N LEU A 196 14.01 -3.84 -14.67
CA LEU A 196 13.94 -2.40 -14.34
C LEU A 196 15.29 -1.92 -13.79
N THR A 197 15.90 -2.67 -12.89
CA THR A 197 17.20 -2.29 -12.33
C THR A 197 18.31 -2.43 -13.38
N SER A 198 18.22 -3.38 -14.31
N SER A 198 18.21 -3.40 -14.29
CA SER A 198 19.24 -3.51 -15.39
CA SER A 198 19.17 -3.56 -15.42
C SER A 198 19.22 -2.23 -16.24
C SER A 198 19.20 -2.26 -16.23
N ILE A 199 18.02 -1.74 -16.55
CA ILE A 199 17.86 -0.50 -17.36
C ILE A 199 18.37 0.67 -16.52
N ALA A 200 17.96 0.73 -15.25
CA ALA A 200 18.34 1.88 -14.38
C ALA A 200 19.88 1.99 -14.35
N ASN A 201 20.55 0.85 -14.21
CA ASN A 201 22.03 0.73 -14.14
C ASN A 201 22.63 1.25 -15.46
N GLU A 202 22.07 0.84 -16.61
CA GLU A 202 22.53 1.33 -17.94
C GLU A 202 22.46 2.86 -18.04
N PHE A 203 21.43 3.49 -17.48
CA PHE A 203 21.16 4.94 -17.67
C PHE A 203 21.52 5.75 -16.42
N ASP A 204 22.09 5.09 -15.41
CA ASP A 204 22.47 5.75 -14.14
C ASP A 204 21.25 6.44 -13.51
N ALA A 205 20.09 5.81 -13.56
CA ALA A 205 18.87 6.39 -12.98
C ALA A 205 18.68 5.80 -11.58
N ALA A 206 18.27 6.64 -10.62
CA ALA A 206 17.92 6.16 -9.27
C ALA A 206 16.68 5.27 -9.32
N VAL A 207 16.61 4.35 -8.38
CA VAL A 207 15.50 3.39 -8.29
C VAL A 207 14.86 3.54 -6.92
N MET A 208 13.57 3.77 -6.91
N MET A 208 13.57 3.80 -6.90
CA MET A 208 12.73 3.79 -5.69
CA MET A 208 12.75 3.75 -5.68
C MET A 208 11.59 2.77 -5.84
C MET A 208 11.63 2.73 -5.85
N VAL A 209 11.41 1.93 -4.81
CA VAL A 209 10.35 0.88 -4.78
C VAL A 209 9.41 1.16 -3.61
N ASP A 210 8.10 1.22 -3.88
CA ASP A 210 7.05 1.37 -2.85
C ASP A 210 6.61 -0.02 -2.43
N ASP A 211 6.99 -0.44 -1.24
CA ASP A 211 6.74 -1.82 -0.78
C ASP A 211 5.54 -1.89 0.17
N ALA A 212 4.57 -0.99 0.00
CA ALA A 212 3.39 -0.93 0.90
C ALA A 212 2.77 -2.33 1.03
N HIS A 213 2.56 -3.03 -0.10
CA HIS A 213 1.91 -4.36 -0.12
C HIS A 213 2.93 -5.49 -0.10
N SER A 214 4.23 -5.19 -0.08
CA SER A 214 5.29 -6.22 -0.13
C SER A 214 5.80 -6.53 1.27
N LEU A 215 5.96 -5.51 2.13
N LEU A 215 5.88 -5.52 2.14
CA LEU A 215 6.52 -5.74 3.48
CA LEU A 215 6.46 -5.71 3.50
C LEU A 215 5.58 -6.66 4.26
C LEU A 215 5.56 -6.64 4.32
N GLY A 216 6.13 -7.72 4.86
CA GLY A 216 5.39 -8.71 5.62
C GLY A 216 4.76 -9.72 4.69
N VAL A 217 5.05 -9.66 3.37
CA VAL A 217 4.37 -10.48 2.33
C VAL A 217 5.41 -11.23 1.49
N ILE A 218 6.34 -10.54 0.84
CA ILE A 218 7.44 -11.18 0.04
C ILE A 218 8.79 -10.72 0.58
N GLY A 219 9.84 -11.40 0.13
CA GLY A 219 11.22 -11.19 0.60
C GLY A 219 11.53 -11.99 1.87
N HIS A 220 12.82 -12.13 2.19
CA HIS A 220 13.24 -12.91 3.40
C HIS A 220 12.63 -12.26 4.65
N LYS A 221 11.87 -13.04 5.39
CA LYS A 221 11.23 -12.64 6.67
C LYS A 221 10.35 -11.41 6.36
N GLY A 222 9.87 -11.34 5.11
CA GLY A 222 8.95 -10.27 4.63
C GLY A 222 9.63 -8.95 4.31
N ALA A 223 10.92 -8.92 4.09
CA ALA A 223 11.68 -7.67 3.93
C ALA A 223 11.41 -6.95 2.61
N GLY A 224 10.59 -7.52 1.73
CA GLY A 224 10.08 -6.77 0.57
C GLY A 224 10.61 -7.15 -0.79
N THR A 225 10.46 -6.27 -1.75
CA THR A 225 10.60 -6.66 -3.18
C THR A 225 12.08 -6.81 -3.53
N ALA A 226 12.93 -5.87 -3.16
CA ALA A 226 14.39 -6.01 -3.40
C ALA A 226 14.86 -7.32 -2.78
N SER A 227 14.41 -7.58 -1.58
CA SER A 227 14.81 -8.80 -0.83
C SER A 227 14.36 -10.05 -1.61
N HIS A 228 13.10 -10.05 -2.08
CA HIS A 228 12.53 -11.15 -2.91
C HIS A 228 13.39 -11.44 -4.15
N PHE A 229 13.98 -10.44 -4.79
CA PHE A 229 14.75 -10.62 -6.06
C PHE A 229 16.27 -10.71 -5.78
N GLY A 230 16.70 -10.45 -4.54
CA GLY A 230 18.15 -10.38 -4.23
C GLY A 230 18.79 -9.07 -4.68
N LEU A 231 18.02 -8.02 -5.00
CA LEU A 231 18.52 -6.79 -5.67
C LEU A 231 18.60 -5.57 -4.72
N ASN A 232 18.79 -5.78 -3.41
CA ASN A 232 19.10 -4.73 -2.42
C ASN A 232 20.09 -3.73 -3.01
N ASP A 233 21.16 -4.20 -3.64
CA ASP A 233 22.27 -3.34 -4.13
C ASP A 233 21.91 -2.50 -5.37
N ASP A 234 20.77 -2.76 -6.03
CA ASP A 234 20.38 -2.04 -7.26
C ASP A 234 19.19 -1.09 -6.98
N VAL A 235 18.71 -1.05 -5.74
CA VAL A 235 17.55 -0.22 -5.34
C VAL A 235 18.03 0.88 -4.39
N ASP A 236 17.93 2.12 -4.82
CA ASP A 236 18.45 3.29 -4.04
C ASP A 236 17.59 3.52 -2.78
N LEU A 237 16.27 3.47 -2.91
CA LEU A 237 15.31 3.91 -1.87
C LEU A 237 14.22 2.85 -1.75
N ILE A 238 14.04 2.30 -0.57
CA ILE A 238 12.91 1.40 -0.25
C ILE A 238 11.93 2.18 0.63
N MET A 239 10.75 2.39 0.11
CA MET A 239 9.66 3.03 0.85
C MET A 239 8.76 1.94 1.39
N GLY A 240 8.21 2.16 2.57
CA GLY A 240 7.15 1.28 3.07
C GLY A 240 6.12 2.06 3.83
N THR A 241 4.97 1.43 4.08
N THR A 241 5.11 1.32 4.25
CA THR A 241 3.94 1.94 5.01
CA THR A 241 3.99 1.82 5.04
C THR A 241 3.90 1.03 6.21
C THR A 241 3.79 0.92 6.23
N PHE A 242 3.32 1.52 7.32
CA PHE A 242 3.02 0.73 8.54
C PHE A 242 1.55 0.37 8.64
N SER A 243 0.70 0.78 7.69
CA SER A 243 -0.75 0.64 7.85
C SER A 243 -1.26 -0.70 7.33
N LYS A 244 -0.40 -1.58 6.82
N LYS A 244 -0.41 -1.61 6.88
CA LYS A 244 -0.84 -2.87 6.19
CA LYS A 244 -0.88 -2.89 6.29
C LYS A 244 -0.34 -4.02 7.08
C LYS A 244 -0.33 -4.04 7.13
N SER A 245 0.73 -4.71 6.70
CA SER A 245 1.21 -5.85 7.52
C SER A 245 1.58 -5.38 8.93
N LEU A 246 2.12 -4.16 9.02
CA LEU A 246 2.69 -3.66 10.29
C LEU A 246 1.60 -3.06 11.21
N ALA A 247 0.33 -3.10 10.84
CA ALA A 247 -0.80 -3.01 11.80
C ALA A 247 -0.98 -1.63 12.46
N SER A 248 -0.38 -0.59 11.88
N SER A 248 -0.41 -0.57 11.88
CA SER A 248 -0.24 0.73 12.53
CA SER A 248 -0.30 0.75 12.55
C SER A 248 -0.53 1.84 11.50
C SER A 248 -0.66 1.90 11.59
N LEU A 249 0.14 2.97 11.64
CA LEU A 249 -0.03 4.13 10.76
C LEU A 249 1.35 4.80 10.65
N GLY A 250 1.68 5.23 9.46
CA GLY A 250 2.98 5.87 9.20
C GLY A 250 3.70 5.18 8.07
N GLY A 251 4.90 5.61 7.81
CA GLY A 251 5.73 4.98 6.79
C GLY A 251 7.16 5.41 6.90
N PHE A 252 7.98 5.00 5.91
CA PHE A 252 9.42 5.26 5.97
C PHE A 252 9.97 5.27 4.58
N VAL A 253 11.13 5.84 4.48
CA VAL A 253 12.03 5.67 3.32
C VAL A 253 13.41 5.32 3.84
N ALA A 254 13.96 4.23 3.33
CA ALA A 254 15.30 3.77 3.75
C ALA A 254 16.23 3.83 2.55
N GLY A 255 17.50 4.07 2.84
CA GLY A 255 18.51 4.21 1.79
C GLY A 255 19.85 4.55 2.34
N ASP A 256 20.71 5.07 1.49
CA ASP A 256 22.08 5.48 1.88
C ASP A 256 21.96 6.64 2.86
N ALA A 257 22.84 6.66 3.87
CA ALA A 257 22.81 7.72 4.92
C ALA A 257 22.88 9.11 4.32
N ASP A 258 23.62 9.36 3.24
CA ASP A 258 23.71 10.72 2.66
C ASP A 258 22.37 11.13 2.02
N VAL A 259 21.71 10.19 1.34
CA VAL A 259 20.43 10.46 0.64
C VAL A 259 19.36 10.72 1.72
N ILE A 260 19.36 9.90 2.75
CA ILE A 260 18.32 9.97 3.80
C ILE A 260 18.51 11.26 4.59
N ASP A 261 19.76 11.65 4.84
N ASP A 261 19.77 11.65 4.87
CA ASP A 261 20.05 12.92 5.54
CA ASP A 261 20.02 12.94 5.54
C ASP A 261 19.57 14.09 4.68
C ASP A 261 19.52 14.09 4.66
N PHE A 262 19.76 14.05 3.36
CA PHE A 262 19.20 15.07 2.46
C PHE A 262 17.65 15.09 2.60
N LEU A 263 16.99 13.93 2.52
N LEU A 263 17.08 13.91 2.53
CA LEU A 263 15.50 13.87 2.59
CA LEU A 263 15.61 13.75 2.53
C LEU A 263 15.02 14.48 3.89
C LEU A 263 15.02 14.34 3.82
N LYS A 264 15.60 14.02 5.00
CA LYS A 264 14.96 14.35 6.28
C LYS A 264 15.08 15.87 6.50
N HIS A 265 15.96 16.59 5.79
CA HIS A 265 16.09 18.06 5.94
C HIS A 265 15.46 18.83 4.76
N ASN A 266 14.95 18.15 3.71
CA ASN A 266 14.46 18.82 2.48
C ASN A 266 13.04 18.41 2.05
N ALA A 267 12.53 17.30 2.56
CA ALA A 267 11.18 16.82 2.17
C ALA A 267 10.15 17.56 2.99
N ARG A 268 9.33 18.37 2.32
CA ARG A 268 8.25 19.14 2.98
C ARG A 268 7.31 18.22 3.77
N SER A 269 7.04 17.00 3.30
CA SER A 269 6.11 16.13 4.06
C SER A 269 6.72 15.63 5.37
N VAL A 270 8.02 15.77 5.65
CA VAL A 270 8.55 15.44 6.99
C VAL A 270 8.86 16.75 7.73
N MET A 271 9.30 17.82 7.08
N MET A 271 9.32 17.78 7.02
CA MET A 271 9.64 19.06 7.84
CA MET A 271 9.67 19.09 7.63
C MET A 271 8.36 19.77 8.31
C MET A 271 8.41 19.72 8.27
N PHE A 272 7.25 19.61 7.60
CA PHE A 272 6.06 20.45 7.88
C PHE A 272 4.82 19.63 8.23
N SER A 273 5.04 18.49 8.87
CA SER A 273 3.95 17.64 9.35
C SER A 273 4.38 16.99 10.66
N ALA A 274 3.45 16.92 11.60
CA ALA A 274 3.73 16.37 12.93
C ALA A 274 4.17 14.93 12.82
N SER A 275 5.00 14.51 13.77
CA SER A 275 5.56 13.15 13.80
C SER A 275 4.54 12.06 14.20
N MET A 276 4.87 10.80 13.90
CA MET A 276 4.05 9.64 14.32
C MET A 276 3.75 9.68 15.81
N THR A 277 2.56 9.24 16.20
CA THR A 277 2.19 9.20 17.65
C THR A 277 3.07 8.15 18.31
N PRO A 278 3.42 8.34 19.60
CA PRO A 278 4.13 7.29 20.34
C PRO A 278 3.51 5.91 20.20
N ALA A 279 2.21 5.80 20.38
CA ALA A 279 1.50 4.52 20.27
C ALA A 279 1.77 3.85 18.90
N SER A 280 1.77 4.61 17.80
N SER A 280 1.76 4.63 17.81
CA SER A 280 2.03 4.02 16.47
CA SER A 280 2.03 4.09 16.45
C SER A 280 3.52 3.65 16.31
C SER A 280 3.50 3.65 16.32
N VAL A 281 4.45 4.40 16.88
CA VAL A 281 5.87 3.97 16.85
C VAL A 281 6.02 2.63 17.58
N ALA A 282 5.47 2.50 18.77
CA ALA A 282 5.61 1.26 19.59
C ALA A 282 4.89 0.07 18.90
N SER A 283 3.71 0.27 18.32
N SER A 283 3.70 0.35 18.38
CA SER A 283 3.00 -0.86 17.65
CA SER A 283 2.91 -0.64 17.58
C SER A 283 3.80 -1.29 16.41
C SER A 283 3.82 -1.22 16.51
N THR A 284 4.40 -0.33 15.71
CA THR A 284 5.19 -0.70 14.52
C THR A 284 6.41 -1.46 14.99
N LEU A 285 7.12 -0.95 15.99
CA LEU A 285 8.30 -1.68 16.56
C LEU A 285 7.92 -3.11 16.91
N LYS A 286 6.82 -3.32 17.64
CA LYS A 286 6.46 -4.66 18.17
C LYS A 286 6.03 -5.52 17.00
N ALA A 287 5.25 -4.98 16.07
CA ALA A 287 4.86 -5.76 14.88
C ALA A 287 6.09 -6.23 14.07
N LEU A 288 7.06 -5.34 13.89
N LEU A 288 7.09 -5.36 13.92
CA LEU A 288 8.30 -5.66 13.13
CA LEU A 288 8.31 -5.63 13.11
C LEU A 288 8.99 -6.84 13.82
C LEU A 288 9.13 -6.74 13.80
N GLU A 289 9.15 -6.80 15.13
CA GLU A 289 9.74 -7.95 15.88
C GLU A 289 8.98 -9.25 15.54
N ILE A 290 7.65 -9.22 15.64
CA ILE A 290 6.79 -10.42 15.49
C ILE A 290 6.96 -10.99 14.08
N ILE A 291 6.93 -10.16 13.06
CA ILE A 291 7.02 -10.64 11.65
C ILE A 291 8.31 -11.46 11.47
N GLN A 292 9.42 -11.01 12.06
CA GLN A 292 10.74 -11.68 11.94
C GLN A 292 10.84 -12.87 12.88
N ASN A 293 10.35 -12.73 14.09
CA ASN A 293 10.61 -13.76 15.13
C ASN A 293 9.67 -14.93 14.91
N GLU A 294 8.52 -14.74 14.26
CA GLU A 294 7.42 -15.74 14.23
C GLU A 294 7.08 -16.01 12.78
N PRO A 295 7.84 -16.89 12.10
CA PRO A 295 7.65 -17.12 10.66
C PRO A 295 6.25 -17.63 10.29
N GLU A 296 5.49 -18.12 11.25
CA GLU A 296 4.17 -18.74 11.02
C GLU A 296 3.17 -17.74 10.41
N HIS A 297 3.35 -16.43 10.65
CA HIS A 297 2.34 -15.44 10.18
C HIS A 297 2.42 -15.36 8.66
N ILE A 298 3.60 -15.13 8.11
CA ILE A 298 3.78 -15.09 6.65
C ILE A 298 3.40 -16.45 6.04
N GLU A 299 3.80 -17.55 6.68
CA GLU A 299 3.52 -18.91 6.14
C GLU A 299 2.00 -19.04 6.00
N LYS A 300 1.25 -18.65 7.02
CA LYS A 300 -0.20 -18.88 7.05
C LYS A 300 -0.87 -17.92 6.06
N LEU A 301 -0.41 -16.67 5.95
CA LEU A 301 -0.89 -15.78 4.86
C LEU A 301 -0.84 -16.50 3.51
N TRP A 302 0.28 -17.14 3.21
CA TRP A 302 0.47 -17.77 1.88
C TRP A 302 -0.32 -19.09 1.80
N LYS A 303 -0.51 -19.81 2.88
CA LYS A 303 -1.38 -21.02 2.82
C LYS A 303 -2.81 -20.56 2.52
N ASN A 304 -3.23 -19.45 3.12
CA ASN A 304 -4.60 -18.92 2.88
C ASN A 304 -4.69 -18.46 1.43
N THR A 305 -3.69 -17.73 0.98
CA THR A 305 -3.66 -17.19 -0.38
C THR A 305 -3.73 -18.35 -1.38
N ASP A 306 -2.93 -19.40 -1.14
CA ASP A 306 -2.80 -20.49 -2.14
C ASP A 306 -4.15 -21.21 -2.15
N TYR A 307 -4.72 -21.45 -0.98
CA TYR A 307 -6.02 -22.15 -0.88
C TYR A 307 -7.14 -21.34 -1.56
N ALA A 308 -7.28 -20.07 -1.20
CA ALA A 308 -8.37 -19.23 -1.73
C ALA A 308 -8.23 -19.10 -3.26
N LYS A 309 -7.03 -18.90 -3.78
CA LYS A 309 -6.84 -18.70 -5.22
C LYS A 309 -7.24 -19.99 -5.95
N ALA A 310 -6.79 -21.12 -5.42
CA ALA A 310 -7.13 -22.45 -5.98
C ALA A 310 -8.66 -22.63 -6.00
N GLN A 311 -9.34 -22.34 -4.87
CA GLN A 311 -10.81 -22.53 -4.74
C GLN A 311 -11.54 -21.61 -5.73
N LEU A 312 -11.10 -20.35 -5.87
CA LEU A 312 -11.71 -19.35 -6.79
C LEU A 312 -11.56 -19.84 -8.23
N LEU A 313 -10.39 -20.27 -8.63
CA LEU A 313 -10.19 -20.74 -10.04
C LEU A 313 -11.01 -22.00 -10.30
N ASP A 314 -11.11 -22.89 -9.31
CA ASP A 314 -11.92 -24.14 -9.37
C ASP A 314 -13.39 -23.82 -9.60
N HIS A 315 -13.93 -22.80 -8.92
CA HIS A 315 -15.33 -22.35 -9.07
C HIS A 315 -15.50 -21.51 -10.35
N GLY A 316 -14.44 -21.29 -11.09
CA GLY A 316 -14.47 -20.68 -12.43
C GLY A 316 -14.49 -19.15 -12.40
N PHE A 317 -14.15 -18.54 -11.27
CA PHE A 317 -13.98 -17.07 -11.23
C PHE A 317 -12.83 -16.69 -12.15
N ASP A 318 -12.95 -15.51 -12.72
CA ASP A 318 -11.95 -14.93 -13.64
C ASP A 318 -11.03 -14.08 -12.77
N LEU A 319 -9.80 -14.53 -12.50
CA LEU A 319 -8.88 -13.73 -11.66
C LEU A 319 -7.89 -12.92 -12.50
N GLY A 320 -7.52 -11.78 -11.95
CA GLY A 320 -6.36 -11.01 -12.40
C GLY A 320 -5.04 -11.74 -12.18
N ALA A 321 -3.98 -11.23 -12.79
CA ALA A 321 -2.63 -11.82 -12.84
C ALA A 321 -1.89 -11.53 -11.54
N THR A 322 -2.46 -11.97 -10.43
CA THR A 322 -1.95 -11.66 -9.08
C THR A 322 -0.76 -12.57 -8.75
N GLU A 323 0.20 -12.05 -8.00
CA GLU A 323 1.30 -12.84 -7.41
C GLU A 323 1.35 -12.60 -5.90
N SER A 324 0.22 -12.29 -5.31
CA SER A 324 0.17 -11.76 -3.94
C SER A 324 -1.12 -12.21 -3.29
N PRO A 325 -1.32 -11.89 -2.00
CA PRO A 325 -2.57 -12.15 -1.30
C PRO A 325 -3.78 -11.31 -1.71
N ILE A 326 -3.61 -10.47 -2.73
CA ILE A 326 -4.71 -9.72 -3.40
C ILE A 326 -5.24 -10.56 -4.56
N LEU A 327 -6.51 -11.00 -4.46
CA LEU A 327 -7.18 -11.87 -5.47
C LEU A 327 -8.23 -11.00 -6.12
N PRO A 328 -7.88 -10.38 -7.27
CA PRO A 328 -8.80 -9.54 -8.02
C PRO A 328 -9.74 -10.47 -8.79
N ILE A 329 -11.03 -10.29 -8.60
CA ILE A 329 -12.08 -11.12 -9.23
C ILE A 329 -12.79 -10.20 -10.24
N PHE A 330 -12.62 -10.45 -11.54
CA PHE A 330 -13.27 -9.67 -12.62
C PHE A 330 -14.80 -9.83 -12.65
N ILE A 331 -15.46 -8.69 -12.87
CA ILE A 331 -16.94 -8.61 -13.03
C ILE A 331 -17.27 -7.94 -14.37
N ARG A 332 -16.53 -6.90 -14.74
CA ARG A 332 -16.50 -6.25 -16.08
C ARG A 332 -17.81 -5.51 -16.36
N SER A 333 -18.49 -5.04 -15.30
CA SER A 333 -19.64 -4.11 -15.39
C SER A 333 -19.68 -3.28 -14.10
N ASN A 334 -19.70 -1.96 -14.21
CA ASN A 334 -19.70 -1.12 -12.99
C ASN A 334 -20.99 -1.39 -12.22
N GLU A 335 -22.13 -1.37 -12.90
CA GLU A 335 -23.46 -1.66 -12.27
C GLU A 335 -23.38 -2.99 -11.51
N LYS A 336 -22.92 -4.06 -12.15
CA LYS A 336 -22.84 -5.40 -11.49
C LYS A 336 -21.82 -5.33 -10.33
N THR A 337 -20.75 -4.56 -10.46
CA THR A 337 -19.69 -4.50 -9.40
C THR A 337 -20.31 -3.86 -8.15
N PHE A 338 -21.07 -2.78 -8.32
CA PHE A 338 -21.77 -2.13 -7.19
C PHE A 338 -22.80 -3.10 -6.61
N TRP A 339 -23.63 -3.76 -7.44
CA TRP A 339 -24.68 -4.72 -6.98
C TRP A 339 -24.04 -5.87 -6.17
N VAL A 340 -23.01 -6.51 -6.72
CA VAL A 340 -22.30 -7.68 -6.12
C VAL A 340 -21.72 -7.23 -4.77
N THR A 341 -21.11 -6.05 -4.75
CA THR A 341 -20.49 -5.52 -3.52
C THR A 341 -21.52 -5.36 -2.41
N LYS A 342 -22.64 -4.70 -2.69
CA LYS A 342 -23.70 -4.48 -1.70
C LYS A 342 -24.39 -5.79 -1.32
N MET A 343 -24.68 -6.67 -2.28
CA MET A 343 -25.34 -7.96 -1.96
C MET A 343 -24.43 -8.81 -1.07
N LEU A 344 -23.12 -8.77 -1.30
CA LEU A 344 -22.17 -9.48 -0.40
C LEU A 344 -22.20 -8.88 0.99
N GLN A 345 -22.17 -7.56 1.06
CA GLN A 345 -22.21 -6.85 2.36
C GLN A 345 -23.45 -7.33 3.11
N ASP A 346 -24.60 -7.38 2.42
CA ASP A 346 -25.89 -7.68 3.09
C ASP A 346 -25.94 -9.15 3.49
N ASP A 347 -25.14 -10.00 2.86
CA ASP A 347 -25.02 -11.44 3.26
C ASP A 347 -23.79 -11.67 4.15
N GLY A 348 -23.14 -10.63 4.67
CA GLY A 348 -22.07 -10.83 5.65
C GLY A 348 -20.68 -11.06 5.08
N VAL A 349 -20.40 -10.56 3.88
CA VAL A 349 -19.04 -10.62 3.23
C VAL A 349 -18.61 -9.22 2.81
N PHE A 350 -17.44 -8.78 3.25
CA PHE A 350 -16.85 -7.46 2.90
C PHE A 350 -15.75 -7.65 1.85
N VAL A 351 -15.99 -7.10 0.68
CA VAL A 351 -15.00 -7.05 -0.43
C VAL A 351 -14.95 -5.62 -0.95
N ASN A 352 -13.91 -5.29 -1.70
CA ASN A 352 -13.69 -3.88 -2.16
C ASN A 352 -13.92 -3.81 -3.65
N PRO A 353 -14.75 -2.87 -4.13
CA PRO A 353 -14.98 -2.72 -5.56
C PRO A 353 -13.96 -1.79 -6.18
N VAL A 354 -13.65 -2.08 -7.44
CA VAL A 354 -12.82 -1.24 -8.35
C VAL A 354 -13.68 -0.97 -9.58
N VAL A 355 -13.98 0.30 -9.83
CA VAL A 355 -15.00 0.69 -10.86
C VAL A 355 -14.48 1.87 -11.67
N SER A 356 -15.18 2.22 -12.74
CA SER A 356 -14.97 3.52 -13.44
C SER A 356 -15.29 4.67 -12.48
N PRO A 357 -14.56 5.79 -12.53
CA PRO A 357 -13.53 6.04 -13.56
C PRO A 357 -12.09 5.59 -13.25
N ALA A 358 -11.83 4.85 -12.16
CA ALA A 358 -10.49 4.34 -11.80
C ALA A 358 -10.04 3.27 -12.79
N VAL A 359 -10.96 2.43 -13.30
CA VAL A 359 -10.67 1.45 -14.37
C VAL A 359 -11.76 1.55 -15.43
N PRO A 360 -11.47 1.11 -16.66
CA PRO A 360 -12.53 0.84 -17.65
C PRO A 360 -13.62 -0.09 -17.08
N ALA A 361 -14.87 0.12 -17.49
CA ALA A 361 -16.04 -0.67 -17.05
C ALA A 361 -15.77 -2.17 -17.25
N GLU A 362 -15.06 -2.52 -18.31
CA GLU A 362 -14.86 -3.92 -18.77
C GLU A 362 -13.76 -4.60 -17.94
N GLU A 363 -13.05 -3.82 -17.09
CA GLU A 363 -12.03 -4.28 -16.12
C GLU A 363 -12.48 -4.04 -14.66
N SER A 364 -13.72 -3.64 -14.43
CA SER A 364 -14.29 -3.52 -13.06
C SER A 364 -14.19 -4.86 -12.33
N LEU A 365 -13.92 -4.83 -11.03
CA LEU A 365 -13.65 -6.08 -10.31
C LEU A 365 -13.90 -5.86 -8.83
N ILE A 366 -13.96 -6.95 -8.09
CA ILE A 366 -13.88 -6.91 -6.60
C ILE A 366 -12.51 -7.45 -6.18
N ARG A 367 -11.93 -6.85 -5.13
CA ARG A 367 -10.66 -7.33 -4.59
C ARG A 367 -10.92 -8.10 -3.31
N PHE A 368 -10.44 -9.33 -3.30
CA PHE A 368 -10.60 -10.29 -2.19
C PHE A 368 -9.19 -10.51 -1.64
N SER A 369 -8.94 -9.98 -0.43
N SER A 369 -8.90 -9.91 -0.48
CA SER A 369 -7.60 -9.96 0.18
CA SER A 369 -7.56 -9.97 0.15
C SER A 369 -7.54 -10.94 1.38
C SER A 369 -7.57 -10.99 1.29
N LEU A 370 -6.48 -11.73 1.45
CA LEU A 370 -6.31 -12.70 2.54
C LEU A 370 -5.52 -12.04 3.68
N MET A 371 -5.81 -12.52 4.90
N MET A 371 -5.74 -12.58 4.87
CA MET A 371 -5.10 -12.24 6.18
CA MET A 371 -4.99 -12.26 6.11
C MET A 371 -4.53 -13.59 6.68
C MET A 371 -4.53 -13.59 6.69
N ALA A 372 -3.41 -13.57 7.38
CA ALA A 372 -2.85 -14.80 7.97
C ALA A 372 -3.87 -15.43 8.92
N THR A 373 -4.76 -14.65 9.53
CA THR A 373 -5.64 -15.11 10.62
C THR A 373 -6.92 -15.69 10.04
N HIS A 374 -7.16 -15.54 8.73
CA HIS A 374 -8.31 -16.19 8.08
C HIS A 374 -8.19 -17.70 8.34
N THR A 375 -9.34 -18.33 8.47
CA THR A 375 -9.44 -19.81 8.49
C THR A 375 -9.92 -20.28 7.12
N TYR A 376 -9.61 -21.51 6.74
CA TYR A 376 -10.20 -22.17 5.54
C TYR A 376 -11.74 -22.14 5.60
N ASP A 377 -12.36 -22.41 6.76
CA ASP A 377 -13.83 -22.33 6.94
C ASP A 377 -14.34 -20.94 6.56
N GLN A 378 -13.66 -19.88 7.01
CA GLN A 378 -14.13 -18.53 6.64
C GLN A 378 -14.02 -18.36 5.13
N ILE A 379 -12.91 -18.77 4.52
CA ILE A 379 -12.67 -18.61 3.05
C ILE A 379 -13.80 -19.37 2.36
N ASP A 380 -14.10 -20.56 2.83
CA ASP A 380 -15.10 -21.40 2.15
C ASP A 380 -16.46 -20.68 2.21
N GLU A 381 -16.85 -20.16 3.37
N GLU A 381 -16.83 -20.14 3.37
CA GLU A 381 -18.13 -19.43 3.54
CA GLU A 381 -18.14 -19.46 3.57
C GLU A 381 -18.19 -18.27 2.54
C GLU A 381 -18.22 -18.23 2.65
N ALA A 382 -17.14 -17.45 2.52
CA ALA A 382 -17.13 -16.28 1.63
C ALA A 382 -17.30 -16.69 0.17
N ILE A 383 -16.55 -17.68 -0.31
CA ILE A 383 -16.60 -18.16 -1.72
C ILE A 383 -17.99 -18.73 -2.00
N GLU A 384 -18.61 -19.46 -1.08
CA GLU A 384 -19.99 -20.04 -1.24
C GLU A 384 -20.94 -18.86 -1.45
N LYS A 385 -20.81 -17.84 -0.61
CA LYS A 385 -21.69 -16.63 -0.72
C LYS A 385 -21.43 -15.86 -2.01
N MET A 386 -20.17 -15.81 -2.50
N MET A 386 -20.18 -15.79 -2.48
CA MET A 386 -19.76 -15.11 -3.73
CA MET A 386 -19.80 -15.10 -3.72
C MET A 386 -20.29 -15.84 -4.97
C MET A 386 -20.41 -15.85 -4.91
N VAL A 387 -20.35 -17.18 -4.91
CA VAL A 387 -20.92 -18.01 -6.00
C VAL A 387 -22.40 -17.67 -6.12
N LYS A 388 -23.10 -17.61 -4.98
CA LYS A 388 -24.54 -17.29 -4.95
C LYS A 388 -24.78 -15.87 -5.50
N VAL A 389 -24.05 -14.86 -4.99
CA VAL A 389 -24.29 -13.47 -5.44
C VAL A 389 -23.94 -13.32 -6.92
N PHE A 390 -22.95 -14.01 -7.46
CA PHE A 390 -22.58 -13.91 -8.90
C PHE A 390 -23.73 -14.51 -9.71
N LYS A 391 -24.36 -15.58 -9.20
CA LYS A 391 -25.54 -16.23 -9.82
C LYS A 391 -26.68 -15.21 -9.82
N GLN A 392 -27.03 -14.69 -8.63
CA GLN A 392 -28.15 -13.72 -8.47
C GLN A 392 -27.95 -12.55 -9.43
N ALA A 393 -26.70 -12.12 -9.63
CA ALA A 393 -26.32 -10.87 -10.34
C ALA A 393 -26.21 -11.13 -11.85
N GLU A 394 -26.26 -12.39 -12.30
CA GLU A 394 -26.09 -12.76 -13.74
C GLU A 394 -24.74 -12.22 -14.28
N VAL A 395 -23.61 -12.53 -13.63
CA VAL A 395 -22.24 -12.10 -14.10
C VAL A 395 -21.77 -13.08 -15.19
#